data_7JFZ
#
_entry.id   7JFZ
#
_cell.length_a   73.190
_cell.length_b   125.120
_cell.length_c   142.160
_cell.angle_alpha   90.000
_cell.angle_beta   90.000
_cell.angle_gamma   90.000
#
_symmetry.space_group_name_H-M   'C 2 2 21'
#
loop_
_entity.id
_entity.type
_entity.pdbx_description
1 polymer 'Urocanate hydratase'
2 non-polymer 1,2-ETHANEDIOL
3 non-polymer NICOTINAMIDE-ADENINE-DINUCLEOTIDE
4 non-polymer 'SUCCINIC ACID'
5 water water
#
_entity_poly.entity_id   1
_entity_poly.type   'polypeptide(L)'
_entity_poly.pdbx_seq_one_letter_code
;MAHHHHHHMMNKDKNKRVISAPRGTEIQAKNWLTEAALRMICNNLDPNVAEDPDSLIVYGGLGKAARNWECFDEIVHVLK
LLNNDQTLLIQSGKPVGVFTTHEEAPRILIANSNLVPRWATWEHFNELDKKGLMMYGQMTAGSWIYIGSQGIVQGTYETF
VAAAKKHYQGDLSGRWILTAGLGGMGGAQPLAGTMAGASVLAVECDRQRIEKRLQTKYLDRYTDNLSEALDWINESCRRK
KPVSVAVLGNAAEIFPQLVKLGVQPSLVTDQTSAHDPLNGYLPLGWTLEQAVEMRKKSPEEVVDAAKKSMAVQVHAMLEF
HNRGIPVFDYGNNIRQMAFEAGEKNAFSFEGFVPAYIRPLFCEGIGPFRWVALSGDPEDIYATDERVKQLIPDAPHLHHW
LDMAREKISFQGLPARICWVGLKDRARLALAFNEMVKNKQVKAPIVIGRDHLDSGSVASPNRETEGMLDGSDAVSDWPLL
NALLNCASGATWVSIHHGGGVGMGFSQHAGVVIVADGTEKAAKRLARVLHNDPATGVMRHADAGYQIAKQCAKENSLWLP
MES
;
_entity_poly.pdbx_strand_id   A
#
loop_
_chem_comp.id
_chem_comp.type
_chem_comp.name
_chem_comp.formula
EDO non-polymer 1,2-ETHANEDIOL 'C2 H6 O2'
NAD non-polymer NICOTINAMIDE-ADENINE-DINUCLEOTIDE 'C21 H27 N7 O14 P2'
SIN non-polymer 'SUCCINIC ACID' 'C4 H6 O4'
#
# COMPACT_ATOMS: atom_id res chain seq x y z
N ARG A 17 -16.95 19.29 12.38
CA ARG A 17 -16.42 18.49 13.48
C ARG A 17 -14.97 18.04 13.21
N VAL A 18 -14.20 17.89 14.28
CA VAL A 18 -12.80 17.45 14.19
C VAL A 18 -12.68 16.16 15.01
N ILE A 19 -12.25 15.09 14.37
CA ILE A 19 -12.20 13.76 14.97
C ILE A 19 -10.74 13.37 15.17
N SER A 20 -10.46 12.70 16.29
CA SER A 20 -9.13 12.15 16.53
C SER A 20 -9.26 10.98 17.50
N ALA A 21 -8.28 10.10 17.47
CA ALA A 21 -8.34 8.92 18.34
C ALA A 21 -8.13 9.34 19.79
N PRO A 22 -8.99 8.90 20.73
CA PRO A 22 -8.67 9.05 22.15
C PRO A 22 -7.29 8.50 22.47
N ARG A 23 -6.66 9.00 23.53
CA ARG A 23 -5.27 8.72 23.83
C ARG A 23 -5.11 8.19 25.26
N GLY A 24 -3.90 7.74 25.58
CA GLY A 24 -3.62 7.35 26.94
C GLY A 24 -4.23 6.02 27.33
N THR A 25 -4.36 5.81 28.64
CA THR A 25 -4.75 4.51 29.16
C THR A 25 -6.20 4.44 29.64
N GLU A 26 -6.91 5.56 29.71
CA GLU A 26 -8.33 5.52 30.05
CA GLU A 26 -8.32 5.51 30.05
C GLU A 26 -9.13 5.10 28.83
N ILE A 27 -10.17 4.30 29.06
CA ILE A 27 -10.98 3.81 27.95
C ILE A 27 -12.43 4.19 28.17
N GLN A 28 -13.14 4.35 27.05
CA GLN A 28 -14.58 4.58 27.03
C GLN A 28 -15.36 3.33 26.70
N ALA A 29 -14.76 2.39 25.96
CA ALA A 29 -15.42 1.13 25.64
C ALA A 29 -15.33 0.17 26.82
N LYS A 30 -15.96 -1.00 26.68
CA LYS A 30 -16.00 -1.94 27.80
C LYS A 30 -14.68 -2.67 28.00
N ASN A 31 -13.82 -2.72 26.99
CA ASN A 31 -12.53 -3.38 27.10
C ASN A 31 -11.62 -2.83 26.01
N TRP A 32 -10.36 -3.25 26.03
CA TRP A 32 -9.40 -2.69 25.08
C TRP A 32 -9.64 -3.14 23.66
N LEU A 33 -10.36 -4.24 23.44
CA LEU A 33 -10.54 -4.68 22.05
C LEU A 33 -11.50 -3.77 21.31
N THR A 34 -12.61 -3.39 21.94
CA THR A 34 -13.52 -2.45 21.30
C THR A 34 -13.04 -1.00 21.47
N GLU A 35 -12.32 -0.69 22.56
CA GLU A 35 -11.64 0.61 22.60
C GLU A 35 -10.72 0.78 21.40
N ALA A 36 -10.01 -0.28 21.00
CA ALA A 36 -9.14 -0.22 19.85
C ALA A 36 -9.91 0.15 18.58
N ALA A 37 -11.05 -0.52 18.36
CA ALA A 37 -11.89 -0.18 17.21
C ALA A 37 -12.33 1.28 17.28
N LEU A 38 -12.76 1.74 18.45
CA LEU A 38 -13.12 3.13 18.62
C LEU A 38 -11.97 4.05 18.23
N ARG A 39 -10.78 3.79 18.76
CA ARG A 39 -9.64 4.64 18.44
C ARG A 39 -9.29 4.59 16.95
N MET A 40 -9.40 3.40 16.34
CA MET A 40 -8.95 3.27 14.95
C MET A 40 -9.92 3.94 13.97
N ILE A 41 -11.23 3.83 14.18
CA ILE A 41 -12.13 4.56 13.28
C ILE A 41 -11.94 6.07 13.44
N CYS A 42 -11.75 6.55 14.67
CA CYS A 42 -11.51 7.97 14.87
C CYS A 42 -10.18 8.40 14.26
N ASN A 43 -9.17 7.53 14.35
CA ASN A 43 -7.87 7.87 13.78
C ASN A 43 -7.93 8.00 12.27
N ASN A 44 -8.76 7.17 11.62
CA ASN A 44 -8.97 7.26 10.18
C ASN A 44 -9.51 8.62 9.76
N LEU A 45 -10.17 9.34 10.66
CA LEU A 45 -10.73 10.66 10.36
C LEU A 45 -9.92 11.80 10.99
N ASP A 46 -8.76 11.50 11.55
CA ASP A 46 -7.90 12.54 12.09
C ASP A 46 -7.52 13.52 10.98
N PRO A 47 -7.60 14.84 11.22
CA PRO A 47 -7.24 15.79 10.16
C PRO A 47 -5.79 15.70 9.73
N ASN A 48 -4.90 15.16 10.57
CA ASN A 48 -3.52 14.89 10.15
C ASN A 48 -3.39 13.58 9.37
N VAL A 49 -4.48 12.83 9.24
CA VAL A 49 -4.47 11.51 8.61
C VAL A 49 -5.32 11.49 7.34
N ALA A 50 -6.57 11.94 7.44
CA ALA A 50 -7.55 11.77 6.38
C ALA A 50 -7.44 12.89 5.34
N GLU A 51 -7.78 12.54 4.09
CA GLU A 51 -7.71 13.51 2.99
C GLU A 51 -8.84 14.53 3.03
N ASP A 52 -10.04 14.10 3.44
CA ASP A 52 -11.21 14.98 3.46
C ASP A 52 -12.16 14.50 4.54
N PRO A 53 -11.76 14.62 5.81
CA PRO A 53 -12.57 14.02 6.90
C PRO A 53 -13.94 14.65 7.07
N ASP A 54 -14.13 15.92 6.66
CA ASP A 54 -15.46 16.53 6.75
C ASP A 54 -16.50 15.72 6.00
N SER A 55 -16.09 15.05 4.91
CA SER A 55 -16.95 14.16 4.14
CA SER A 55 -16.99 14.16 4.17
C SER A 55 -16.71 12.70 4.49
N LEU A 56 -16.04 12.43 5.60
CA LEU A 56 -15.63 11.10 6.07
C LEU A 56 -14.66 10.40 5.11
N ILE A 57 -14.06 11.15 4.20
CA ILE A 57 -13.18 10.55 3.19
C ILE A 57 -11.80 10.41 3.78
N VAL A 58 -11.30 9.18 3.85
CA VAL A 58 -10.00 8.89 4.42
C VAL A 58 -8.90 9.05 3.39
N TYR A 59 -9.04 8.36 2.26
CA TYR A 59 -8.09 8.48 1.17
C TYR A 59 -8.73 7.95 -0.11
N GLY A 60 -8.02 8.13 -1.21
CA GLY A 60 -8.40 7.49 -2.46
C GLY A 60 -9.65 8.04 -3.10
N GLY A 61 -9.90 9.33 -2.95
CA GLY A 61 -11.01 10.00 -3.61
C GLY A 61 -12.33 9.81 -2.91
N LEU A 62 -12.74 8.57 -2.70
CA LEU A 62 -14.03 8.32 -2.08
C LEU A 62 -13.96 7.22 -1.02
N GLY A 63 -12.76 6.85 -0.56
CA GLY A 63 -12.63 5.85 0.48
C GLY A 63 -13.03 6.40 1.83
N LYS A 64 -14.14 5.91 2.40
CA LYS A 64 -14.72 6.49 3.59
C LYS A 64 -14.64 5.54 4.79
N ALA A 65 -14.70 6.13 5.98
CA ALA A 65 -14.63 5.37 7.22
C ALA A 65 -15.99 4.86 7.67
N ALA A 66 -17.05 5.55 7.27
CA ALA A 66 -18.44 5.19 7.57
C ALA A 66 -19.29 5.81 6.47
N ARG A 67 -20.54 5.32 6.34
CA ARG A 67 -21.32 5.71 5.16
C ARG A 67 -21.66 7.19 5.17
N ASN A 68 -21.90 7.75 6.34
CA ASN A 68 -22.31 9.14 6.52
C ASN A 68 -22.18 9.44 8.00
N TRP A 69 -22.46 10.69 8.39
CA TRP A 69 -22.22 11.07 9.77
C TRP A 69 -23.16 10.38 10.74
N GLU A 70 -24.42 10.17 10.33
CA GLU A 70 -25.34 9.41 11.18
C GLU A 70 -24.79 8.01 11.46
N CYS A 71 -24.22 7.37 10.44
CA CYS A 71 -23.64 6.04 10.63
C CYS A 71 -22.41 6.10 11.52
N PHE A 72 -21.54 7.09 11.31
CA PHE A 72 -20.35 7.23 12.14
C PHE A 72 -20.73 7.36 13.61
N ASP A 73 -21.64 8.29 13.92
CA ASP A 73 -22.06 8.50 15.30
C ASP A 73 -22.59 7.22 15.92
N GLU A 74 -23.37 6.44 15.15
CA GLU A 74 -23.93 5.22 15.73
C GLU A 74 -22.87 4.13 15.89
N ILE A 75 -21.90 4.07 14.97
CA ILE A 75 -20.80 3.12 15.15
C ILE A 75 -20.07 3.41 16.46
N VAL A 76 -19.76 4.68 16.70
CA VAL A 76 -19.10 5.07 17.95
C VAL A 76 -19.95 4.67 19.15
N HIS A 77 -21.26 4.91 19.07
CA HIS A 77 -22.17 4.55 20.15
C HIS A 77 -22.13 3.05 20.43
N VAL A 78 -22.22 2.24 19.37
CA VAL A 78 -22.23 0.79 19.53
C VAL A 78 -20.89 0.30 20.06
N LEU A 79 -19.79 0.81 19.53
CA LEU A 79 -18.49 0.30 19.95
C LEU A 79 -18.27 0.47 21.45
N LYS A 80 -18.76 1.57 22.02
CA LYS A 80 -18.60 1.77 23.46
C LYS A 80 -19.47 0.83 24.27
N LEU A 81 -20.53 0.29 23.68
CA LEU A 81 -21.47 -0.58 24.38
C LEU A 81 -21.22 -2.07 24.18
N LEU A 82 -20.51 -2.47 23.12
CA LEU A 82 -20.34 -3.89 22.82
C LEU A 82 -19.67 -4.63 23.96
N ASN A 83 -20.30 -5.72 24.42
CA ASN A 83 -19.64 -6.61 25.36
C ASN A 83 -18.62 -7.48 24.63
N ASN A 84 -17.77 -8.14 25.41
CA ASN A 84 -16.71 -8.95 24.80
C ASN A 84 -17.23 -10.18 24.07
N ASP A 85 -18.53 -10.45 24.10
CA ASP A 85 -19.12 -11.57 23.39
C ASP A 85 -20.15 -11.12 22.36
N GLN A 86 -20.15 -9.84 22.01
CA GLN A 86 -21.05 -9.30 21.01
C GLN A 86 -20.27 -8.85 19.79
N THR A 87 -20.93 -8.94 18.63
CA THR A 87 -20.28 -8.65 17.36
C THR A 87 -21.15 -7.71 16.54
N LEU A 88 -20.58 -6.58 16.15
CA LEU A 88 -21.23 -5.58 15.30
C LEU A 88 -20.98 -5.94 13.85
N LEU A 89 -22.04 -5.87 13.03
CA LEU A 89 -21.90 -5.99 11.58
C LEU A 89 -21.88 -4.61 10.95
N ILE A 90 -20.88 -4.36 10.11
CA ILE A 90 -20.77 -3.15 9.32
C ILE A 90 -21.07 -3.54 7.88
N GLN A 91 -22.08 -2.89 7.29
CA GLN A 91 -22.49 -3.13 5.91
C GLN A 91 -22.29 -1.84 5.13
N SER A 92 -21.30 -1.81 4.25
CA SER A 92 -20.88 -0.60 3.52
C SER A 92 -20.99 0.63 4.44
N GLY A 93 -20.24 0.56 5.55
CA GLY A 93 -20.09 1.69 6.46
C GLY A 93 -21.28 1.97 7.35
N LYS A 94 -22.22 1.05 7.48
CA LYS A 94 -23.43 1.27 8.27
C LYS A 94 -23.53 0.20 9.34
N PRO A 95 -23.76 0.57 10.62
CA PRO A 95 -23.86 -0.45 11.66
C PRO A 95 -25.23 -1.07 11.66
N VAL A 96 -25.39 -2.21 10.98
CA VAL A 96 -26.72 -2.73 10.71
C VAL A 96 -27.23 -3.71 11.76
N GLY A 97 -26.35 -4.33 12.53
CA GLY A 97 -26.82 -5.30 13.50
C GLY A 97 -25.75 -5.68 14.50
N VAL A 98 -26.16 -5.99 15.73
CA VAL A 98 -25.26 -6.56 16.73
C VAL A 98 -25.82 -7.91 17.14
N PHE A 99 -24.95 -8.91 17.22
CA PHE A 99 -25.39 -10.27 17.55
C PHE A 99 -24.43 -10.89 18.55
N THR A 100 -24.97 -11.81 19.35
CA THR A 100 -24.14 -12.51 20.32
C THR A 100 -23.30 -13.56 19.61
N THR A 101 -21.99 -13.52 19.84
CA THR A 101 -21.13 -14.58 19.35
C THR A 101 -20.38 -15.15 20.55
N HIS A 102 -19.10 -14.89 20.65
CA HIS A 102 -18.34 -15.33 21.81
C HIS A 102 -17.01 -14.59 21.82
N GLU A 103 -16.27 -14.77 22.91
CA GLU A 103 -15.07 -13.99 23.15
C GLU A 103 -13.97 -14.27 22.15
N GLU A 104 -13.97 -15.44 21.52
CA GLU A 104 -12.90 -15.85 20.62
C GLU A 104 -13.25 -15.54 19.16
N ALA A 105 -14.37 -14.89 18.91
CA ALA A 105 -14.77 -14.40 17.60
C ALA A 105 -14.40 -12.92 17.46
N PRO A 106 -14.40 -12.37 16.24
CA PRO A 106 -14.19 -10.92 16.08
C PRO A 106 -15.30 -10.12 16.71
N ARG A 107 -14.94 -8.91 17.18
CA ARG A 107 -15.94 -8.00 17.71
C ARG A 107 -16.63 -7.20 16.61
N ILE A 108 -16.03 -7.08 15.43
CA ILE A 108 -16.65 -6.41 14.30
C ILE A 108 -16.40 -7.22 13.03
N LEU A 109 -17.45 -7.40 12.23
CA LEU A 109 -17.38 -8.04 10.93
C LEU A 109 -17.83 -7.01 9.91
N ILE A 110 -17.02 -6.79 8.88
CA ILE A 110 -17.19 -5.66 7.97
C ILE A 110 -17.28 -6.18 6.55
N ALA A 111 -18.30 -5.77 5.81
CA ALA A 111 -18.38 -6.05 4.38
C ALA A 111 -18.74 -4.75 3.68
N ASN A 112 -17.84 -4.23 2.85
CA ASN A 112 -18.01 -2.92 2.24
C ASN A 112 -17.96 -2.99 0.71
N SER A 113 -18.93 -2.34 0.07
CA SER A 113 -18.90 -2.05 -1.37
C SER A 113 -19.12 -3.28 -2.24
N ASN A 114 -19.61 -4.38 -1.66
CA ASN A 114 -19.79 -5.60 -2.44
C ASN A 114 -21.08 -5.53 -3.24
N LEU A 115 -20.97 -5.79 -4.56
CA LEU A 115 -22.09 -5.75 -5.49
C LEU A 115 -22.09 -7.03 -6.30
N VAL A 116 -23.28 -7.57 -6.57
CA VAL A 116 -23.41 -8.74 -7.44
C VAL A 116 -22.72 -8.42 -8.76
N PRO A 117 -21.97 -9.37 -9.36
CA PRO A 117 -20.95 -8.97 -10.37
C PRO A 117 -21.47 -8.15 -11.55
N ARG A 118 -22.61 -8.51 -12.14
CA ARG A 118 -23.09 -7.75 -13.29
C ARG A 118 -23.48 -6.33 -12.94
N TRP A 119 -23.65 -6.03 -11.66
CA TRP A 119 -23.92 -4.69 -11.15
C TRP A 119 -22.69 -4.05 -10.54
N ALA A 120 -21.52 -4.68 -10.65
CA ALA A 120 -20.31 -4.17 -9.98
C ALA A 120 -19.64 -3.13 -10.88
N THR A 121 -20.31 -1.98 -10.99
CA THR A 121 -19.88 -0.89 -11.84
C THR A 121 -19.93 0.42 -11.07
N TRP A 122 -19.16 1.42 -11.53
CA TRP A 122 -19.28 2.72 -10.87
C TRP A 122 -20.65 3.33 -11.12
N GLU A 123 -21.25 3.04 -12.27
CA GLU A 123 -22.59 3.55 -12.58
C GLU A 123 -23.61 3.08 -11.55
N HIS A 124 -23.60 1.78 -11.22
CA HIS A 124 -24.55 1.30 -10.23
C HIS A 124 -24.16 1.73 -8.82
N PHE A 125 -22.86 1.71 -8.51
CA PHE A 125 -22.42 2.20 -7.20
C PHE A 125 -22.94 3.61 -6.95
N ASN A 126 -22.80 4.48 -7.96
CA ASN A 126 -23.19 5.87 -7.81
C ASN A 126 -24.70 6.01 -7.66
N GLU A 127 -25.47 5.23 -8.44
CA GLU A 127 -26.91 5.22 -8.27
C GLU A 127 -27.29 4.85 -6.84
N LEU A 128 -26.64 3.82 -6.30
CA LEU A 128 -26.90 3.38 -4.92
C LEU A 128 -26.39 4.40 -3.91
N ASP A 129 -25.22 5.00 -4.18
CA ASP A 129 -24.69 6.02 -3.29
C ASP A 129 -25.64 7.20 -3.14
N LYS A 130 -26.22 7.66 -4.25
CA LYS A 130 -27.14 8.79 -4.22
C LYS A 130 -28.39 8.46 -3.40
N LYS A 131 -28.77 7.18 -3.34
CA LYS A 131 -29.91 6.76 -2.54
C LYS A 131 -29.54 6.50 -1.08
N GLY A 132 -28.29 6.75 -0.70
CA GLY A 132 -27.87 6.49 0.67
C GLY A 132 -27.52 5.05 0.96
N LEU A 133 -27.24 4.27 -0.08
CA LEU A 133 -27.13 2.81 0.05
C LEU A 133 -25.72 2.28 -0.11
N MET A 134 -24.73 3.13 -0.32
CA MET A 134 -23.40 2.62 -0.65
C MET A 134 -22.31 3.42 0.03
N MET A 135 -21.16 2.77 0.18
CA MET A 135 -19.93 3.41 0.62
C MET A 135 -18.79 2.65 -0.03
N TYR A 136 -17.78 3.40 -0.49
CA TYR A 136 -16.56 2.81 -1.01
C TYR A 136 -15.59 2.59 0.15
N GLY A 137 -15.20 1.33 0.38
CA GLY A 137 -14.28 1.07 1.48
C GLY A 137 -12.82 1.28 1.14
N GLN A 138 -12.49 1.49 -0.14
CA GLN A 138 -11.13 1.32 -0.65
C GLN A 138 -10.56 0.08 -0.01
N MET A 139 -9.39 0.16 0.60
CA MET A 139 -8.87 -0.96 1.40
C MET A 139 -8.98 -0.66 2.89
N THR A 140 -8.18 0.29 3.39
CA THR A 140 -8.08 0.51 4.82
C THR A 140 -8.98 1.64 5.32
N ALA A 141 -9.69 2.33 4.42
CA ALA A 141 -10.60 3.38 4.85
C ALA A 141 -11.81 2.79 5.57
N GLY A 142 -12.49 1.85 4.94
CA GLY A 142 -13.67 1.27 5.55
C GLY A 142 -13.41 0.21 6.60
N SER A 143 -12.14 -0.18 6.77
CA SER A 143 -11.78 -1.21 7.74
C SER A 143 -10.81 -0.70 8.81
N TRP A 144 -10.66 0.63 8.94
CA TRP A 144 -10.13 1.29 10.14
C TRP A 144 -8.69 0.89 10.46
N ILE A 145 -7.80 1.00 9.46
CA ILE A 145 -6.39 0.67 9.70
C ILE A 145 -5.49 1.52 8.80
N TYR A 146 -5.99 2.69 8.37
CA TYR A 146 -5.20 3.61 7.56
C TYR A 146 -4.29 4.44 8.46
N ILE A 147 -3.01 4.57 8.08
CA ILE A 147 -2.05 5.29 8.90
C ILE A 147 -1.34 6.38 8.10
N GLY A 148 -2.03 6.97 7.14
CA GLY A 148 -1.45 8.08 6.41
C GLY A 148 -0.53 7.64 5.26
N SER A 149 0.47 8.47 4.98
CA SER A 149 1.34 8.25 3.84
CA SER A 149 1.36 8.28 3.85
C SER A 149 2.42 7.20 4.08
N GLN A 150 2.58 6.71 5.31
CA GLN A 150 3.64 5.73 5.54
C GLN A 150 3.44 4.47 4.71
N GLY A 151 2.19 4.10 4.42
CA GLY A 151 1.94 2.93 3.61
C GLY A 151 2.58 3.03 2.23
N ILE A 152 2.34 4.14 1.54
CA ILE A 152 2.89 4.27 0.19
C ILE A 152 4.41 4.44 0.21
N VAL A 153 4.93 5.22 1.16
CA VAL A 153 6.38 5.40 1.21
C VAL A 153 7.07 4.06 1.49
N GLN A 154 6.59 3.35 2.51
CA GLN A 154 7.21 2.07 2.83
C GLN A 154 7.08 1.08 1.67
N GLY A 155 5.91 1.01 1.03
CA GLY A 155 5.74 0.06 -0.06
C GLY A 155 6.66 0.34 -1.24
N THR A 156 6.91 1.63 -1.50
CA THR A 156 7.82 1.98 -2.59
C THR A 156 9.26 1.67 -2.21
N TYR A 157 9.63 1.93 -0.96
CA TYR A 157 10.93 1.48 -0.46
C TYR A 157 11.08 -0.03 -0.64
N GLU A 158 10.06 -0.80 -0.26
CA GLU A 158 10.12 -2.25 -0.38
C GLU A 158 10.40 -2.68 -1.82
N THR A 159 9.71 -2.06 -2.79
CA THR A 159 9.93 -2.40 -4.19
C THR A 159 11.36 -2.09 -4.62
N PHE A 160 11.86 -0.90 -4.28
CA PHE A 160 13.21 -0.52 -4.69
C PHE A 160 14.25 -1.43 -4.04
N VAL A 161 14.04 -1.80 -2.77
CA VAL A 161 14.96 -2.72 -2.09
C VAL A 161 14.89 -4.11 -2.72
N ALA A 162 13.69 -4.54 -3.10
CA ALA A 162 13.57 -5.83 -3.78
C ALA A 162 14.35 -5.82 -5.09
N ALA A 163 14.22 -4.74 -5.86
CA ALA A 163 15.00 -4.60 -7.08
C ALA A 163 16.51 -4.56 -6.78
N ALA A 164 16.89 -3.85 -5.72
CA ALA A 164 18.30 -3.81 -5.35
C ALA A 164 18.82 -5.20 -4.99
N LYS A 165 18.03 -5.98 -4.25
CA LYS A 165 18.43 -7.31 -3.87
C LYS A 165 18.56 -8.23 -5.09
N LYS A 166 17.67 -8.06 -6.06
CA LYS A 166 17.65 -8.95 -7.22
C LYS A 166 18.78 -8.65 -8.20
N HIS A 167 19.17 -7.38 -8.34
CA HIS A 167 20.09 -6.97 -9.40
C HIS A 167 21.45 -6.49 -8.91
N TYR A 168 21.56 -6.00 -7.67
CA TYR A 168 22.76 -5.31 -7.24
C TYR A 168 23.22 -5.74 -5.86
N GLN A 169 22.94 -6.99 -5.49
CA GLN A 169 23.36 -7.55 -4.20
C GLN A 169 22.90 -6.66 -3.05
N GLY A 170 21.73 -6.04 -3.21
CA GLY A 170 21.12 -5.21 -2.19
C GLY A 170 21.73 -3.83 -2.00
N ASP A 171 22.63 -3.41 -2.88
CA ASP A 171 23.44 -2.20 -2.67
C ASP A 171 23.17 -1.23 -3.80
N LEU A 172 22.49 -0.11 -3.50
CA LEU A 172 22.25 0.94 -4.49
C LEU A 172 23.21 2.11 -4.36
N SER A 173 24.21 2.03 -3.49
CA SER A 173 25.11 3.17 -3.31
C SER A 173 25.83 3.50 -4.62
N GLY A 174 25.95 4.79 -4.90
CA GLY A 174 26.54 5.24 -6.15
C GLY A 174 25.69 5.02 -7.38
N ARG A 175 24.43 4.62 -7.21
CA ARG A 175 23.52 4.36 -8.33
C ARG A 175 22.33 5.31 -8.27
N TRP A 176 21.61 5.39 -9.39
CA TRP A 176 20.43 6.25 -9.43
C TRP A 176 19.26 5.59 -10.15
N ILE A 177 18.07 6.03 -9.79
CA ILE A 177 16.81 5.54 -10.33
C ILE A 177 16.23 6.61 -11.25
N LEU A 178 15.81 6.21 -12.44
CA LEU A 178 15.04 7.05 -13.36
C LEU A 178 13.58 6.68 -13.27
N THR A 179 12.72 7.68 -13.07
CA THR A 179 11.28 7.45 -13.04
C THR A 179 10.57 8.73 -13.45
N ALA A 180 9.23 8.69 -13.39
CA ALA A 180 8.41 9.85 -13.69
C ALA A 180 7.15 9.80 -12.83
N GLY A 181 6.56 10.97 -12.65
CA GLY A 181 5.32 11.06 -11.91
C GLY A 181 5.57 11.28 -10.43
N LEU A 182 5.18 12.45 -9.92
CA LEU A 182 5.30 12.79 -8.51
C LEU A 182 3.93 13.07 -7.91
N GLY A 183 2.96 12.24 -8.27
CA GLY A 183 1.58 12.42 -7.87
C GLY A 183 1.28 11.81 -6.51
N GLY A 184 0.03 11.42 -6.31
CA GLY A 184 -0.41 10.94 -5.01
C GLY A 184 0.39 9.73 -4.54
N MET A 185 0.73 8.84 -5.46
CA MET A 185 1.63 7.73 -5.15
C MET A 185 3.04 7.95 -5.67
N GLY A 186 3.19 8.55 -6.85
CA GLY A 186 4.52 8.73 -7.41
C GLY A 186 5.39 9.67 -6.59
N GLY A 187 4.78 10.61 -5.87
CA GLY A 187 5.55 11.52 -5.04
C GLY A 187 6.33 10.84 -3.92
N ALA A 188 6.04 9.58 -3.62
CA ALA A 188 6.83 8.84 -2.64
C ALA A 188 8.15 8.34 -3.20
N GLN A 189 8.31 8.32 -4.53
CA GLN A 189 9.51 7.74 -5.12
C GLN A 189 10.81 8.42 -4.73
N PRO A 190 10.90 9.77 -4.70
CA PRO A 190 12.18 10.37 -4.28
C PRO A 190 12.63 9.93 -2.89
N LEU A 191 11.73 10.01 -1.90
CA LEU A 191 12.10 9.63 -0.55
C LEU A 191 12.38 8.14 -0.45
N ALA A 192 11.53 7.31 -1.04
CA ALA A 192 11.75 5.87 -1.01
C ALA A 192 13.08 5.49 -1.66
N GLY A 193 13.39 6.11 -2.81
CA GLY A 193 14.62 5.79 -3.50
C GLY A 193 15.85 6.19 -2.72
N THR A 194 15.85 7.40 -2.14
CA THR A 194 17.02 7.83 -1.40
C THR A 194 17.15 7.07 -0.09
N MET A 195 16.02 6.74 0.55
CA MET A 195 16.08 5.87 1.72
C MET A 195 16.70 4.53 1.38
N ALA A 196 16.43 4.03 0.17
CA ALA A 196 16.97 2.78 -0.32
C ALA A 196 18.41 2.90 -0.77
N GLY A 197 18.97 4.11 -0.74
CA GLY A 197 20.39 4.31 -0.99
C GLY A 197 20.73 4.85 -2.36
N ALA A 198 19.73 5.13 -3.20
CA ALA A 198 19.97 5.59 -4.56
C ALA A 198 19.62 7.07 -4.70
N SER A 199 20.29 7.74 -5.64
CA SER A 199 19.76 9.01 -6.09
C SER A 199 18.58 8.76 -7.03
N VAL A 200 17.73 9.77 -7.20
CA VAL A 200 16.48 9.63 -7.95
C VAL A 200 16.33 10.82 -8.88
N LEU A 201 16.12 10.53 -10.17
CA LEU A 201 15.73 11.55 -11.13
C LEU A 201 14.29 11.23 -11.54
N ALA A 202 13.37 12.14 -11.22
CA ALA A 202 11.95 11.92 -11.49
C ALA A 202 11.45 13.02 -12.42
N VAL A 203 10.86 12.63 -13.55
CA VAL A 203 10.30 13.58 -14.50
C VAL A 203 8.84 13.87 -14.11
N GLU A 204 8.47 15.14 -14.08
CA GLU A 204 7.11 15.52 -13.70
C GLU A 204 6.74 16.78 -14.46
N CYS A 205 5.54 16.80 -15.05
CA CYS A 205 5.17 17.91 -15.92
C CYS A 205 4.46 19.05 -15.21
N ASP A 206 4.04 18.85 -13.96
CA ASP A 206 3.27 19.85 -13.22
C ASP A 206 4.19 20.53 -12.21
N ARG A 207 4.52 21.79 -12.45
CA ARG A 207 5.43 22.51 -11.56
C ARG A 207 4.86 22.64 -10.15
N GLN A 208 3.53 22.79 -10.03
CA GLN A 208 2.94 22.97 -8.71
C GLN A 208 3.10 21.71 -7.87
N ARG A 209 2.97 20.53 -8.49
CA ARG A 209 3.21 19.28 -7.77
C ARG A 209 4.67 19.18 -7.33
N ILE A 210 5.60 19.58 -8.19
CA ILE A 210 7.01 19.58 -7.80
C ILE A 210 7.22 20.49 -6.58
N GLU A 211 6.70 21.72 -6.65
CA GLU A 211 6.91 22.66 -5.57
C GLU A 211 6.31 22.15 -4.27
N LYS A 212 5.19 21.43 -4.34
CA LYS A 212 4.60 20.87 -3.13
C LYS A 212 5.50 19.82 -2.51
N ARG A 213 6.08 18.94 -3.34
CA ARG A 213 7.00 17.93 -2.83
CA ARG A 213 6.99 17.94 -2.80
C ARG A 213 8.26 18.56 -2.24
N LEU A 214 8.71 19.68 -2.82
CA LEU A 214 9.86 20.38 -2.24
C LEU A 214 9.52 20.95 -0.87
N GLN A 215 8.34 21.58 -0.74
CA GLN A 215 7.95 22.22 0.50
C GLN A 215 7.83 21.22 1.64
N THR A 216 7.37 20.01 1.34
CA THR A 216 7.08 19.00 2.35
C THR A 216 8.25 18.05 2.56
N LYS A 217 9.43 18.36 2.03
CA LYS A 217 10.67 17.60 2.22
C LYS A 217 10.62 16.20 1.58
N TYR A 218 9.68 15.96 0.65
CA TYR A 218 9.66 14.72 -0.09
C TYR A 218 10.59 14.74 -1.30
N LEU A 219 11.16 15.89 -1.62
CA LEU A 219 12.00 16.03 -2.80
C LEU A 219 13.11 17.01 -2.46
N ASP A 220 14.32 16.77 -2.95
CA ASP A 220 15.45 17.63 -2.59
C ASP A 220 15.57 18.84 -3.52
N ARG A 221 15.54 18.64 -4.83
CA ARG A 221 15.83 19.72 -5.77
C ARG A 221 14.99 19.53 -7.02
N TYR A 222 14.88 20.59 -7.81
CA TYR A 222 14.33 20.43 -9.14
C TYR A 222 14.94 21.46 -10.10
N THR A 223 14.74 21.19 -11.39
CA THR A 223 15.22 22.06 -12.46
C THR A 223 14.45 21.72 -13.73
N ASP A 224 14.41 22.66 -14.66
CA ASP A 224 13.87 22.38 -15.98
C ASP A 224 14.97 22.10 -16.99
N ASN A 225 16.23 22.02 -16.54
CA ASN A 225 17.40 21.81 -17.40
C ASN A 225 17.90 20.40 -17.16
N LEU A 226 17.70 19.52 -18.16
CA LEU A 226 18.03 18.10 -17.98
C LEU A 226 19.53 17.90 -17.74
N SER A 227 20.36 18.63 -18.48
CA SER A 227 21.81 18.53 -18.29
C SER A 227 22.20 18.90 -16.87
N GLU A 228 21.62 19.98 -16.34
CA GLU A 228 21.90 20.36 -14.96
C GLU A 228 21.46 19.26 -14.00
N ALA A 229 20.29 18.68 -14.23
CA ALA A 229 19.81 17.59 -13.38
C ALA A 229 20.80 16.44 -13.37
N LEU A 230 21.28 16.05 -14.55
CA LEU A 230 22.23 14.93 -14.62
C LEU A 230 23.53 15.26 -13.91
N ASP A 231 24.01 16.51 -14.01
CA ASP A 231 25.23 16.87 -13.31
C ASP A 231 25.04 16.81 -11.80
N TRP A 232 23.86 17.18 -11.31
CA TRP A 232 23.56 17.00 -9.89
C TRP A 232 23.55 15.52 -9.52
N ILE A 233 22.88 14.71 -10.33
CA ILE A 233 22.81 13.27 -10.05
C ILE A 233 24.20 12.66 -10.05
N ASN A 234 25.01 12.98 -11.06
CA ASN A 234 26.36 12.43 -11.14
CA ASN A 234 26.33 12.38 -11.11
C ASN A 234 27.19 12.85 -9.95
N GLU A 235 27.08 14.12 -9.55
CA GLU A 235 27.82 14.60 -8.39
C GLU A 235 27.42 13.83 -7.13
N SER A 236 26.13 13.55 -6.98
CA SER A 236 25.69 12.81 -5.80
C SER A 236 26.13 11.35 -5.85
N CYS A 237 26.07 10.74 -7.04
CA CYS A 237 26.49 9.34 -7.15
C CYS A 237 27.98 9.23 -6.85
N ARG A 238 28.76 10.19 -7.32
CA ARG A 238 30.18 10.29 -6.99
C ARG A 238 30.39 10.30 -5.48
N ARG A 239 29.72 11.23 -4.79
CA ARG A 239 29.87 11.40 -3.35
C ARG A 239 29.19 10.31 -2.54
N LYS A 240 28.48 9.38 -3.20
CA LYS A 240 27.68 8.36 -2.51
C LYS A 240 26.76 8.99 -1.47
N LYS A 241 26.11 10.08 -1.88
CA LYS A 241 25.25 10.87 -1.01
C LYS A 241 23.93 11.05 -1.76
N PRO A 242 22.96 10.15 -1.53
CA PRO A 242 21.72 10.17 -2.34
C PRO A 242 21.04 11.54 -2.35
N VAL A 243 20.57 11.94 -3.52
CA VAL A 243 19.78 13.15 -3.69
C VAL A 243 18.62 12.80 -4.60
N SER A 244 17.50 13.50 -4.44
CA SER A 244 16.38 13.39 -5.35
C SER A 244 16.23 14.69 -6.13
N VAL A 245 16.06 14.57 -7.44
CA VAL A 245 15.95 15.69 -8.35
C VAL A 245 14.74 15.47 -9.23
N ALA A 246 13.86 16.47 -9.30
CA ALA A 246 12.76 16.43 -10.26
C ALA A 246 13.16 17.25 -11.47
N VAL A 247 12.93 16.70 -12.66
CA VAL A 247 13.05 17.47 -13.90
C VAL A 247 11.66 17.85 -14.35
N LEU A 248 11.43 19.14 -14.50
CA LEU A 248 10.15 19.66 -14.98
C LEU A 248 10.08 19.42 -16.48
N GLY A 249 9.19 18.53 -16.89
CA GLY A 249 9.07 18.24 -18.31
C GLY A 249 8.21 17.00 -18.52
N ASN A 250 8.29 16.47 -19.72
CA ASN A 250 7.43 15.38 -20.15
C ASN A 250 8.26 14.11 -20.29
N ALA A 251 7.82 13.04 -19.62
CA ALA A 251 8.57 11.80 -19.66
C ALA A 251 8.73 11.29 -21.09
N ALA A 252 7.75 11.57 -21.96
CA ALA A 252 7.85 11.11 -23.34
C ALA A 252 8.90 11.88 -24.13
N GLU A 253 9.33 13.03 -23.61
CA GLU A 253 10.44 13.77 -24.21
C GLU A 253 11.77 13.44 -23.51
N ILE A 254 11.76 13.39 -22.17
CA ILE A 254 12.99 13.25 -21.40
CA ILE A 254 13.00 13.26 -21.44
C ILE A 254 13.54 11.84 -21.48
N PHE A 255 12.68 10.81 -21.37
CA PHE A 255 13.22 9.45 -21.43
C PHE A 255 13.96 9.17 -22.74
N PRO A 256 13.42 9.50 -23.93
CA PRO A 256 14.22 9.29 -25.15
C PRO A 256 15.47 10.13 -25.20
N GLN A 257 15.45 11.34 -24.64
CA GLN A 257 16.67 12.14 -24.59
C GLN A 257 17.74 11.45 -23.75
N LEU A 258 17.35 10.88 -22.60
CA LEU A 258 18.33 10.19 -21.76
C LEU A 258 18.90 8.95 -22.46
N VAL A 259 18.07 8.25 -23.22
CA VAL A 259 18.56 7.12 -24.01
C VAL A 259 19.62 7.59 -25.00
N LYS A 260 19.33 8.68 -25.71
CA LYS A 260 20.25 9.20 -26.71
C LYS A 260 21.57 9.63 -26.08
N LEU A 261 21.53 10.14 -24.85
CA LEU A 261 22.73 10.57 -24.14
C LEU A 261 23.56 9.40 -23.64
N GLY A 262 23.00 8.19 -23.62
CA GLY A 262 23.74 7.05 -23.15
C GLY A 262 23.93 6.99 -21.65
N VAL A 263 23.08 7.71 -20.90
CA VAL A 263 23.26 7.70 -19.44
C VAL A 263 22.84 6.34 -18.89
N GLN A 264 23.24 6.09 -17.65
CA GLN A 264 23.17 4.75 -17.08
C GLN A 264 22.49 4.76 -15.72
N PRO A 265 21.17 4.98 -15.70
CA PRO A 265 20.40 4.69 -14.47
C PRO A 265 20.52 3.20 -14.16
N SER A 266 20.43 2.87 -12.87
CA SER A 266 20.49 1.48 -12.47
C SER A 266 19.13 0.82 -12.35
N LEU A 267 18.06 1.62 -12.24
CA LEU A 267 16.69 1.14 -12.31
C LEU A 267 15.89 2.17 -13.11
N VAL A 268 14.95 1.70 -13.93
CA VAL A 268 14.05 2.58 -14.67
C VAL A 268 12.62 2.11 -14.45
N THR A 269 11.73 3.04 -14.08
CA THR A 269 10.31 2.70 -13.95
C THR A 269 9.51 3.95 -14.29
N ASP A 270 8.22 3.92 -13.98
CA ASP A 270 7.35 5.04 -14.34
C ASP A 270 6.08 4.99 -13.51
N GLN A 271 5.66 6.17 -13.02
CA GLN A 271 4.40 6.32 -12.31
C GLN A 271 3.62 7.51 -12.82
N THR A 272 3.69 7.81 -14.11
CA THR A 272 2.69 8.69 -14.69
C THR A 272 1.31 8.04 -14.57
N SER A 273 0.28 8.86 -14.74
CA SER A 273 -1.09 8.38 -14.76
CA SER A 273 -1.07 8.29 -14.73
C SER A 273 -1.44 7.80 -16.13
N ALA A 274 -0.61 6.87 -16.61
CA ALA A 274 -0.78 6.25 -17.92
C ALA A 274 -2.05 5.42 -18.01
N HIS A 275 -2.59 5.00 -16.86
CA HIS A 275 -3.85 4.28 -16.84
C HIS A 275 -5.01 5.15 -17.32
N ASP A 276 -4.83 6.46 -17.40
CA ASP A 276 -5.90 7.42 -17.69
C ASP A 276 -5.40 8.32 -18.80
N PRO A 277 -5.43 7.85 -20.05
CA PRO A 277 -4.90 8.66 -21.15
C PRO A 277 -5.73 9.91 -21.40
N LEU A 278 -7.00 9.92 -20.99
CA LEU A 278 -7.83 11.10 -21.20
C LEU A 278 -7.48 12.22 -20.21
N ASN A 279 -7.34 11.89 -18.93
CA ASN A 279 -7.24 12.90 -17.89
C ASN A 279 -5.92 12.88 -17.14
N GLY A 280 -5.04 11.94 -17.42
CA GLY A 280 -3.84 11.77 -16.64
C GLY A 280 -2.58 12.15 -17.39
N TYR A 281 -2.25 11.38 -18.42
CA TYR A 281 -0.95 11.47 -19.10
C TYR A 281 -0.91 12.65 -20.07
N LEU A 282 0.07 13.52 -19.88
CA LEU A 282 0.22 14.70 -20.73
C LEU A 282 0.88 14.33 -22.05
N PRO A 283 0.24 14.56 -23.19
CA PRO A 283 0.86 14.19 -24.47
C PRO A 283 2.12 14.98 -24.75
N LEU A 284 3.01 14.34 -25.51
CA LEU A 284 4.26 14.95 -25.93
C LEU A 284 4.00 16.24 -26.70
N GLY A 285 4.68 17.31 -26.29
CA GLY A 285 4.52 18.58 -26.95
C GLY A 285 3.31 19.39 -26.54
N TRP A 286 2.52 18.93 -25.58
CA TRP A 286 1.38 19.70 -25.10
C TRP A 286 1.73 20.41 -23.80
N THR A 287 1.18 21.60 -23.62
CA THR A 287 1.16 22.23 -22.31
C THR A 287 0.00 21.67 -21.48
N LEU A 288 0.09 21.88 -20.15
CA LEU A 288 -1.01 21.49 -19.28
C LEU A 288 -2.31 22.18 -19.68
N GLU A 289 -2.21 23.45 -20.06
CA GLU A 289 -3.39 24.22 -20.41
C GLU A 289 -4.01 23.70 -21.71
N GLN A 290 -3.17 23.30 -22.67
CA GLN A 290 -3.69 22.72 -23.91
C GLN A 290 -4.42 21.42 -23.63
N ALA A 291 -3.90 20.60 -22.71
CA ALA A 291 -4.58 19.37 -22.36
C ALA A 291 -5.93 19.65 -21.71
N VAL A 292 -5.98 20.62 -20.80
CA VAL A 292 -7.25 21.00 -20.17
C VAL A 292 -8.28 21.39 -21.23
N GLU A 293 -7.85 22.21 -22.20
CA GLU A 293 -8.79 22.69 -23.20
C GLU A 293 -9.19 21.58 -24.16
N MET A 294 -8.24 20.74 -24.57
CA MET A 294 -8.55 19.71 -25.56
C MET A 294 -9.46 18.64 -24.97
N ARG A 295 -9.42 18.40 -23.66
CA ARG A 295 -10.31 17.40 -23.08
C ARG A 295 -11.76 17.82 -23.23
N LYS A 296 -12.04 19.12 -23.27
CA LYS A 296 -13.39 19.61 -23.45
C LYS A 296 -13.81 19.63 -24.91
N LYS A 297 -12.87 19.70 -25.84
CA LYS A 297 -13.21 19.84 -27.25
C LYS A 297 -13.07 18.54 -28.04
N SER A 298 -12.13 17.70 -27.67
CA SER A 298 -11.79 16.56 -28.50
C SER A 298 -11.19 15.46 -27.65
N PRO A 299 -11.99 14.78 -26.80
CA PRO A 299 -11.42 13.77 -25.90
C PRO A 299 -10.71 12.64 -26.63
N GLU A 300 -11.25 12.18 -27.76
CA GLU A 300 -10.61 11.09 -28.49
C GLU A 300 -9.21 11.49 -28.99
N GLU A 301 -9.04 12.74 -29.42
CA GLU A 301 -7.72 13.20 -29.84
C GLU A 301 -6.76 13.22 -28.65
N VAL A 302 -7.24 13.60 -27.46
CA VAL A 302 -6.39 13.58 -26.27
C VAL A 302 -5.93 12.16 -25.98
N VAL A 303 -6.86 11.21 -25.99
CA VAL A 303 -6.50 9.81 -25.70
C VAL A 303 -5.48 9.31 -26.71
N ASP A 304 -5.71 9.58 -27.98
CA ASP A 304 -4.81 9.10 -29.02
C ASP A 304 -3.42 9.69 -28.86
N ALA A 305 -3.34 11.00 -28.62
CA ALA A 305 -2.03 11.63 -28.47
C ALA A 305 -1.31 11.13 -27.22
N ALA A 306 -2.06 10.92 -26.13
CA ALA A 306 -1.43 10.39 -24.92
C ALA A 306 -0.88 9.00 -25.14
N LYS A 307 -1.65 8.12 -25.79
CA LYS A 307 -1.19 6.75 -25.96
C LYS A 307 -0.02 6.68 -26.93
N LYS A 308 -0.03 7.51 -27.97
CA LYS A 308 1.12 7.57 -28.86
C LYS A 308 2.35 8.08 -28.12
N SER A 309 2.16 9.03 -27.19
CA SER A 309 3.27 9.51 -26.37
C SER A 309 3.79 8.42 -25.45
N MET A 310 2.88 7.65 -24.84
CA MET A 310 3.31 6.54 -24.00
C MET A 310 4.13 5.54 -24.80
N ALA A 311 3.77 5.29 -26.06
CA ALA A 311 4.56 4.39 -26.89
C ALA A 311 5.98 4.91 -27.08
N VAL A 312 6.13 6.22 -27.28
CA VAL A 312 7.45 6.84 -27.37
C VAL A 312 8.23 6.64 -26.07
N GLN A 313 7.56 6.86 -24.93
CA GLN A 313 8.26 6.68 -23.67
C GLN A 313 8.64 5.21 -23.44
N VAL A 314 7.72 4.28 -23.72
CA VAL A 314 8.02 2.88 -23.48
C VAL A 314 9.10 2.39 -24.44
N HIS A 315 9.14 2.94 -25.67
CA HIS A 315 10.21 2.60 -26.59
C HIS A 315 11.58 2.96 -25.99
N ALA A 316 11.68 4.11 -25.34
CA ALA A 316 12.91 4.49 -24.65
C ALA A 316 13.18 3.55 -23.47
N MET A 317 12.16 3.25 -22.67
CA MET A 317 12.34 2.30 -21.58
C MET A 317 12.87 0.97 -22.10
N LEU A 318 12.35 0.53 -23.25
CA LEU A 318 12.82 -0.72 -23.85
C LEU A 318 14.28 -0.63 -24.29
N GLU A 319 14.73 0.55 -24.72
CA GLU A 319 16.12 0.67 -25.11
C GLU A 319 17.04 0.53 -23.91
N PHE A 320 16.67 1.14 -22.76
CA PHE A 320 17.44 0.89 -21.54
C PHE A 320 17.43 -0.60 -21.21
N HIS A 321 16.26 -1.24 -21.33
CA HIS A 321 16.13 -2.67 -21.09
C HIS A 321 17.04 -3.47 -22.01
N ASN A 322 17.09 -3.10 -23.30
CA ASN A 322 17.96 -3.79 -24.24
C ASN A 322 19.43 -3.61 -23.91
N ARG A 323 19.77 -2.54 -23.21
CA ARG A 323 21.14 -2.31 -22.79
C ARG A 323 21.48 -3.03 -21.49
N GLY A 324 20.56 -3.84 -20.95
CA GLY A 324 20.82 -4.62 -19.76
C GLY A 324 20.40 -3.98 -18.46
N ILE A 325 19.78 -2.80 -18.50
CA ILE A 325 19.36 -2.10 -17.29
C ILE A 325 18.03 -2.67 -16.81
N PRO A 326 17.84 -2.90 -15.51
CA PRO A 326 16.53 -3.33 -15.01
C PRO A 326 15.49 -2.25 -15.23
N VAL A 327 14.42 -2.62 -15.93
CA VAL A 327 13.29 -1.74 -16.23
C VAL A 327 12.02 -2.46 -15.79
N PHE A 328 11.13 -1.75 -15.11
CA PHE A 328 9.91 -2.42 -14.68
C PHE A 328 8.73 -1.47 -14.69
N ASP A 329 7.56 -2.03 -14.96
CA ASP A 329 6.32 -1.27 -14.81
C ASP A 329 6.00 -1.09 -13.32
N TYR A 330 5.27 -0.03 -13.01
CA TYR A 330 4.84 0.19 -11.63
C TYR A 330 3.33 0.30 -11.57
N GLY A 331 2.64 -0.65 -12.21
CA GLY A 331 1.23 -0.82 -11.98
C GLY A 331 0.35 0.27 -12.56
N ASN A 332 0.80 0.96 -13.60
CA ASN A 332 0.04 2.04 -14.21
C ASN A 332 -0.43 1.76 -15.63
N ASN A 333 -0.33 0.50 -16.08
CA ASN A 333 -0.85 0.04 -17.36
C ASN A 333 -0.13 0.66 -18.56
N ILE A 334 1.08 1.19 -18.39
CA ILE A 334 1.72 1.92 -19.49
C ILE A 334 2.11 0.97 -20.61
N ARG A 335 2.49 -0.27 -20.30
CA ARG A 335 2.86 -1.20 -21.35
C ARG A 335 1.68 -1.50 -22.27
N GLN A 336 0.50 -1.74 -21.70
CA GLN A 336 -0.67 -2.05 -22.52
C GLN A 336 -1.07 -0.85 -23.37
N MET A 337 -1.02 0.36 -22.80
CA MET A 337 -1.35 1.54 -23.59
C MET A 337 -0.37 1.70 -24.75
N ALA A 338 0.93 1.53 -24.47
CA ALA A 338 1.94 1.69 -25.52
C ALA A 338 1.78 0.61 -26.57
N PHE A 339 1.48 -0.61 -26.13
CA PHE A 339 1.25 -1.72 -27.05
C PHE A 339 0.10 -1.39 -28.00
N GLU A 340 -1.01 -0.89 -27.45
CA GLU A 340 -2.15 -0.56 -28.29
C GLU A 340 -1.81 0.55 -29.27
N ALA A 341 -0.90 1.44 -28.90
CA ALA A 341 -0.50 2.56 -29.74
C ALA A 341 0.61 2.20 -30.73
N GLY A 342 1.01 0.93 -30.79
CA GLY A 342 1.96 0.48 -31.81
C GLY A 342 3.31 0.00 -31.29
N GLU A 343 3.60 0.11 -29.99
CA GLU A 343 4.87 -0.38 -29.45
C GLU A 343 4.71 -1.87 -29.17
N LYS A 344 4.99 -2.69 -30.18
CA LYS A 344 4.67 -4.11 -30.09
C LYS A 344 5.59 -4.87 -29.16
N ASN A 345 6.71 -4.29 -28.73
CA ASN A 345 7.61 -4.94 -27.81
C ASN A 345 7.43 -4.47 -26.37
N ALA A 346 6.30 -3.81 -26.09
CA ALA A 346 6.08 -3.19 -24.79
C ALA A 346 6.23 -4.15 -23.62
N PHE A 347 5.89 -5.43 -23.79
CA PHE A 347 5.90 -6.36 -22.68
C PHE A 347 7.23 -7.11 -22.54
N SER A 348 8.29 -6.61 -23.17
CA SER A 348 9.59 -7.28 -23.00
C SER A 348 10.22 -7.01 -21.64
N PHE A 349 9.80 -5.98 -20.91
CA PHE A 349 10.19 -5.83 -19.52
C PHE A 349 8.98 -6.09 -18.63
N GLU A 350 9.25 -6.42 -17.37
CA GLU A 350 8.27 -7.00 -16.47
C GLU A 350 7.55 -5.94 -15.64
N GLY A 351 6.40 -6.34 -15.07
CA GLY A 351 5.77 -5.53 -14.05
C GLY A 351 6.40 -5.77 -12.69
N PHE A 352 6.27 -4.78 -11.79
CA PHE A 352 6.93 -4.90 -10.50
C PHE A 352 6.33 -6.02 -9.65
N VAL A 353 5.06 -6.36 -9.87
CA VAL A 353 4.44 -7.41 -9.06
C VAL A 353 5.05 -8.76 -9.41
N PRO A 354 5.01 -9.24 -10.66
CA PRO A 354 5.65 -10.54 -10.92
C PRO A 354 7.16 -10.53 -10.69
N ALA A 355 7.83 -9.39 -10.89
CA ALA A 355 9.29 -9.39 -10.80
C ALA A 355 9.76 -9.36 -9.35
N TYR A 356 9.08 -8.62 -8.48
CA TYR A 356 9.62 -8.31 -7.16
C TYR A 356 8.69 -8.64 -6.02
N ILE A 357 7.40 -8.35 -6.16
CA ILE A 357 6.47 -8.50 -5.03
C ILE A 357 5.97 -9.94 -4.92
N ARG A 358 5.62 -10.57 -6.04
CA ARG A 358 5.09 -11.92 -5.96
C ARG A 358 6.08 -12.89 -5.32
N PRO A 359 7.39 -12.83 -5.59
CA PRO A 359 8.31 -13.72 -4.87
C PRO A 359 8.28 -13.52 -3.36
N LEU A 360 8.07 -12.30 -2.90
CA LEU A 360 7.92 -12.08 -1.46
C LEU A 360 6.62 -12.69 -0.96
N PHE A 361 5.53 -12.45 -1.68
CA PHE A 361 4.25 -13.08 -1.34
C PHE A 361 4.39 -14.59 -1.25
N CYS A 362 5.24 -15.20 -2.08
CA CYS A 362 5.38 -16.66 -2.05
C CYS A 362 5.93 -17.17 -0.73
N GLU A 363 6.61 -16.32 0.04
CA GLU A 363 7.07 -16.68 1.38
C GLU A 363 6.19 -16.05 2.45
N GLY A 364 5.01 -15.58 2.07
CA GLY A 364 4.14 -14.92 3.02
C GLY A 364 4.69 -13.61 3.53
N ILE A 365 5.70 -13.06 2.85
CA ILE A 365 6.24 -11.76 3.22
C ILE A 365 5.31 -10.68 2.70
N GLY A 366 4.85 -9.80 3.59
CA GLY A 366 3.83 -8.86 3.22
C GLY A 366 3.76 -7.74 4.24
N PRO A 367 2.91 -6.77 3.96
CA PRO A 367 2.74 -5.63 4.88
C PRO A 367 2.32 -6.09 6.26
N PHE A 368 3.11 -5.70 7.25
CA PHE A 368 2.86 -5.97 8.66
C PHE A 368 2.83 -4.60 9.32
N ARG A 369 1.68 -4.23 9.86
CA ARG A 369 1.41 -2.85 10.27
C ARG A 369 0.96 -2.85 11.74
N TRP A 370 1.49 -1.93 12.55
CA TRP A 370 1.03 -1.87 13.93
C TRP A 370 0.93 -0.43 14.40
N VAL A 371 0.07 -0.21 15.40
CA VAL A 371 -0.39 1.11 15.81
C VAL A 371 -0.35 1.18 17.32
N ALA A 372 0.26 2.24 17.85
CA ALA A 372 0.33 2.47 19.30
C ALA A 372 -0.93 3.20 19.74
N LEU A 373 -1.88 2.48 20.35
CA LEU A 373 -3.12 3.08 20.81
C LEU A 373 -2.88 4.16 21.86
N SER A 374 -1.74 4.13 22.55
CA SER A 374 -1.48 5.14 23.58
C SER A 374 -1.38 6.53 22.97
N GLY A 375 -0.96 6.63 21.72
CA GLY A 375 -0.61 7.89 21.09
C GLY A 375 0.83 8.30 21.28
N ASP A 376 1.60 7.54 22.05
CA ASP A 376 2.96 7.93 22.42
C ASP A 376 3.94 7.41 21.39
N PRO A 377 4.70 8.28 20.70
CA PRO A 377 5.69 7.77 19.74
C PRO A 377 6.75 6.87 20.36
N GLU A 378 7.07 7.04 21.65
CA GLU A 378 8.03 6.16 22.28
C GLU A 378 7.57 4.70 22.28
N ASP A 379 6.26 4.46 22.17
CA ASP A 379 5.78 3.09 22.03
C ASP A 379 6.26 2.47 20.72
N ILE A 380 6.18 3.22 19.62
CA ILE A 380 6.65 2.69 18.33
C ILE A 380 8.17 2.56 18.34
N TYR A 381 8.89 3.54 18.90
CA TYR A 381 10.34 3.42 18.94
C TYR A 381 10.76 2.20 19.73
N ALA A 382 10.06 1.90 20.83
CA ALA A 382 10.36 0.69 21.58
C ALA A 382 10.12 -0.56 20.74
N THR A 383 9.01 -0.59 19.99
CA THR A 383 8.74 -1.76 19.15
C THR A 383 9.68 -1.83 17.94
N ASP A 384 10.11 -0.69 17.39
CA ASP A 384 11.14 -0.70 16.34
C ASP A 384 12.39 -1.42 16.82
N GLU A 385 12.86 -1.07 18.02
CA GLU A 385 14.07 -1.69 18.56
C GLU A 385 13.87 -3.18 18.79
N ARG A 386 12.67 -3.56 19.26
CA ARG A 386 12.36 -4.96 19.47
C ARG A 386 12.37 -5.76 18.17
N VAL A 387 11.81 -5.20 17.10
CA VAL A 387 11.85 -5.90 15.82
C VAL A 387 13.29 -6.13 15.39
N LYS A 388 14.15 -5.13 15.59
CA LYS A 388 15.56 -5.29 15.23
C LYS A 388 16.23 -6.38 16.05
N GLN A 389 15.84 -6.52 17.32
CA GLN A 389 16.37 -7.61 18.15
C GLN A 389 15.90 -8.96 17.63
N LEU A 390 14.63 -9.05 17.23
CA LEU A 390 14.03 -10.33 16.85
C LEU A 390 14.45 -10.79 15.46
N ILE A 391 14.81 -9.86 14.58
CA ILE A 391 15.23 -10.19 13.22
C ILE A 391 16.58 -9.51 13.03
N PRO A 392 17.66 -10.05 13.61
CA PRO A 392 18.90 -9.28 13.71
C PRO A 392 19.69 -9.17 12.42
N ASP A 393 19.50 -10.07 11.46
CA ASP A 393 20.31 -10.09 10.25
C ASP A 393 19.41 -9.69 9.08
N ALA A 394 19.16 -8.39 8.97
CA ALA A 394 18.24 -7.87 7.96
C ALA A 394 18.55 -6.39 7.75
N PRO A 395 19.63 -6.05 7.05
CA PRO A 395 20.07 -4.66 7.02
C PRO A 395 19.06 -3.71 6.40
N HIS A 396 18.34 -4.14 5.36
CA HIS A 396 17.33 -3.27 4.76
C HIS A 396 16.17 -3.03 5.70
N LEU A 397 15.82 -4.02 6.52
CA LEU A 397 14.80 -3.81 7.55
C LEU A 397 15.30 -2.84 8.62
N HIS A 398 16.51 -3.07 9.14
CA HIS A 398 17.04 -2.17 10.15
C HIS A 398 17.21 -0.76 9.61
N HIS A 399 17.71 -0.63 8.38
CA HIS A 399 17.85 0.70 7.79
C HIS A 399 16.51 1.40 7.68
N TRP A 400 15.49 0.68 7.22
CA TRP A 400 14.15 1.27 7.12
C TRP A 400 13.69 1.79 8.48
N LEU A 401 13.79 0.96 9.52
CA LEU A 401 13.35 1.37 10.85
C LEU A 401 14.13 2.59 11.33
N ASP A 402 15.46 2.57 11.16
CA ASP A 402 16.27 3.72 11.56
C ASP A 402 15.89 4.97 10.76
N MET A 403 15.75 4.82 9.44
CA MET A 403 15.50 5.98 8.60
C MET A 403 14.07 6.50 8.76
N ALA A 404 13.10 5.60 8.98
CA ALA A 404 11.73 6.03 9.20
C ALA A 404 11.63 6.93 10.43
N ARG A 405 12.37 6.62 11.48
CA ARG A 405 12.32 7.45 12.68
CA ARG A 405 12.31 7.45 12.69
C ARG A 405 12.64 8.90 12.38
N GLU A 406 13.69 9.15 11.60
CA GLU A 406 14.10 10.52 11.32
C GLU A 406 13.44 11.11 10.09
N LYS A 407 12.96 10.29 9.15
CA LYS A 407 12.41 10.80 7.90
C LYS A 407 10.88 10.75 7.84
N ILE A 408 10.25 9.80 8.51
CA ILE A 408 8.81 9.60 8.43
C ILE A 408 8.17 10.24 9.67
N SER A 409 7.32 11.23 9.47
CA SER A 409 6.56 11.81 10.56
C SER A 409 5.32 10.97 10.83
N PHE A 410 5.04 10.74 12.12
CA PHE A 410 3.81 10.07 12.50
C PHE A 410 2.62 10.98 12.15
N GLN A 411 1.49 10.34 11.84
CA GLN A 411 0.22 11.02 11.56
C GLN A 411 -0.85 10.36 12.40
N GLY A 412 -1.50 11.14 13.26
CA GLY A 412 -2.43 10.52 14.19
C GLY A 412 -1.68 9.60 15.15
N LEU A 413 -2.30 8.49 15.48
CA LEU A 413 -1.66 7.50 16.34
C LEU A 413 -0.33 7.05 15.71
N PRO A 414 0.77 7.10 16.44
CA PRO A 414 2.03 6.60 15.87
C PRO A 414 1.90 5.15 15.43
N ALA A 415 2.49 4.85 14.27
CA ALA A 415 2.33 3.54 13.66
C ALA A 415 3.57 3.20 12.85
N ARG A 416 3.68 1.93 12.51
CA ARG A 416 4.84 1.45 11.75
C ARG A 416 4.40 0.38 10.77
N ILE A 417 5.06 0.33 9.62
CA ILE A 417 4.91 -0.75 8.66
C ILE A 417 6.27 -1.33 8.34
N CYS A 418 6.35 -2.66 8.28
CA CYS A 418 7.48 -3.42 7.74
CA CYS A 418 7.45 -3.29 7.56
C CYS A 418 6.94 -4.58 6.95
N TRP A 419 7.76 -5.18 6.09
CA TRP A 419 7.35 -6.40 5.41
C TRP A 419 7.95 -7.58 6.16
N VAL A 420 7.07 -8.51 6.58
CA VAL A 420 7.44 -9.60 7.48
C VAL A 420 6.78 -10.86 6.94
N GLY A 421 7.52 -11.98 6.97
CA GLY A 421 7.06 -13.20 6.36
C GLY A 421 6.34 -14.14 7.32
N LEU A 422 5.83 -15.24 6.75
CA LEU A 422 5.17 -16.29 7.52
C LEU A 422 6.03 -16.74 8.69
N LYS A 423 7.35 -16.77 8.50
CA LYS A 423 8.19 -17.30 9.57
C LYS A 423 8.24 -16.37 10.79
N ASP A 424 7.93 -15.08 10.65
CA ASP A 424 8.20 -14.09 11.69
C ASP A 424 7.01 -13.28 12.22
N ARG A 425 5.88 -13.23 11.51
CA ARG A 425 4.80 -12.33 11.98
C ARG A 425 4.35 -12.68 13.39
N ALA A 426 4.15 -13.96 13.67
CA ALA A 426 3.65 -14.34 14.99
C ALA A 426 4.68 -14.05 16.07
N ARG A 427 5.99 -14.22 15.75
CA ARG A 427 7.04 -13.89 16.71
CA ARG A 427 7.03 -13.89 16.71
C ARG A 427 6.98 -12.43 17.10
N LEU A 428 6.81 -11.55 16.12
CA LEU A 428 6.74 -10.12 16.42
C LEU A 428 5.50 -9.80 17.23
N ALA A 429 4.34 -10.37 16.83
CA ALA A 429 3.10 -10.08 17.53
C ALA A 429 3.15 -10.52 18.98
N LEU A 430 3.71 -11.71 19.24
CA LEU A 430 3.78 -12.17 20.61
C LEU A 430 4.72 -11.31 21.43
N ALA A 431 5.84 -10.89 20.84
CA ALA A 431 6.74 -9.97 21.53
C ALA A 431 6.05 -8.65 21.86
N PHE A 432 5.25 -8.13 20.92
CA PHE A 432 4.50 -6.90 21.20
C PHE A 432 3.52 -7.11 22.34
N ASN A 433 2.83 -8.26 22.34
CA ASN A 433 1.89 -8.56 23.42
C ASN A 433 2.60 -8.63 24.76
N GLU A 434 3.81 -9.21 24.79
CA GLU A 434 4.60 -9.22 26.02
CA GLU A 434 4.59 -9.22 26.03
C GLU A 434 4.95 -7.81 26.46
N MET A 435 5.31 -6.94 25.50
CA MET A 435 5.63 -5.55 25.84
C MET A 435 4.43 -4.81 26.41
N VAL A 436 3.23 -5.08 25.91
CA VAL A 436 2.04 -4.49 26.51
C VAL A 436 1.89 -4.98 27.96
N LYS A 437 2.07 -6.28 28.18
CA LYS A 437 1.90 -6.86 29.50
C LYS A 437 2.93 -6.32 30.49
N ASN A 438 4.20 -6.22 30.07
CA ASN A 438 5.26 -5.81 30.98
C ASN A 438 5.51 -4.30 30.96
N LYS A 439 4.62 -3.54 30.32
CA LYS A 439 4.62 -2.08 30.30
C LYS A 439 5.81 -1.47 29.56
N GLN A 440 6.46 -2.22 28.68
CA GLN A 440 7.45 -1.60 27.81
C GLN A 440 6.82 -0.78 26.69
N VAL A 441 5.50 -0.90 26.49
CA VAL A 441 4.70 0.11 25.80
C VAL A 441 3.55 0.48 26.72
N LYS A 442 3.02 1.69 26.51
CA LYS A 442 2.12 2.29 27.49
C LYS A 442 0.68 1.83 27.36
N ALA A 443 0.28 1.28 26.22
CA ALA A 443 -1.09 0.82 26.01
C ALA A 443 -1.08 -0.26 24.95
N PRO A 444 -2.20 -0.97 24.75
CA PRO A 444 -2.23 -2.04 23.75
C PRO A 444 -1.84 -1.58 22.35
N ILE A 445 -1.50 -2.57 21.52
CA ILE A 445 -1.04 -2.36 20.16
C ILE A 445 -2.06 -2.98 19.20
N VAL A 446 -2.43 -2.24 18.16
CA VAL A 446 -3.25 -2.77 17.07
C VAL A 446 -2.30 -3.32 16.02
N ILE A 447 -2.56 -4.54 15.56
CA ILE A 447 -1.75 -5.19 14.54
C ILE A 447 -2.63 -5.50 13.34
N GLY A 448 -2.20 -5.11 12.16
CA GLY A 448 -2.98 -5.36 10.97
C GLY A 448 -2.16 -5.22 9.72
N ARG A 449 -2.77 -4.70 8.66
CA ARG A 449 -2.11 -4.58 7.36
C ARG A 449 -3.07 -3.90 6.41
N ASP A 450 -2.54 -3.46 5.27
CA ASP A 450 -3.47 -3.12 4.20
CA ASP A 450 -3.33 -3.15 4.10
C ASP A 450 -4.04 -4.42 3.63
N HIS A 451 -4.90 -4.28 2.63
CA HIS A 451 -5.56 -5.48 2.10
C HIS A 451 -4.74 -6.17 1.02
N LEU A 452 -3.57 -5.64 0.69
CA LEU A 452 -2.72 -6.19 -0.37
C LEU A 452 -1.66 -7.09 0.25
N ASP A 453 -2.10 -8.29 0.61
CA ASP A 453 -1.23 -9.29 1.21
C ASP A 453 -1.32 -10.57 0.40
N SER A 454 -0.40 -11.50 0.66
CA SER A 454 -0.23 -12.66 -0.20
CA SER A 454 -0.24 -12.64 -0.23
C SER A 454 -1.52 -13.45 -0.36
N GLY A 455 -2.28 -13.61 0.73
CA GLY A 455 -3.47 -14.45 0.67
C GLY A 455 -4.78 -13.70 0.65
N SER A 456 -4.78 -12.38 0.52
CA SER A 456 -5.98 -11.62 0.80
C SER A 456 -6.46 -10.76 -0.36
N VAL A 457 -5.97 -10.98 -1.58
CA VAL A 457 -6.39 -10.13 -2.69
C VAL A 457 -6.48 -10.93 -3.98
N ALA A 458 -7.59 -10.75 -4.68
CA ALA A 458 -7.75 -11.18 -6.06
C ALA A 458 -7.90 -9.91 -6.90
N SER A 459 -6.93 -9.67 -7.80
CA SER A 459 -6.90 -8.43 -8.57
C SER A 459 -6.18 -8.73 -9.87
N PRO A 460 -6.90 -9.20 -10.88
CA PRO A 460 -6.25 -9.75 -12.08
C PRO A 460 -5.49 -8.73 -12.91
N ASN A 461 -5.73 -7.44 -12.72
CA ASN A 461 -4.94 -6.43 -13.41
C ASN A 461 -3.79 -5.91 -12.57
N ARG A 462 -3.64 -6.40 -11.34
CA ARG A 462 -2.53 -5.99 -10.50
C ARG A 462 -1.92 -7.16 -9.74
N GLU A 463 -2.31 -7.35 -8.47
CA GLU A 463 -1.54 -8.27 -7.63
C GLU A 463 -1.65 -9.73 -8.05
N THR A 464 -2.72 -10.13 -8.76
CA THR A 464 -2.80 -11.51 -9.25
C THR A 464 -2.78 -11.55 -10.78
N GLU A 465 -2.18 -10.55 -11.42
CA GLU A 465 -2.01 -10.58 -12.87
C GLU A 465 -0.93 -11.58 -13.25
N GLY A 466 -1.25 -12.45 -14.21
CA GLY A 466 -0.27 -13.40 -14.72
C GLY A 466 0.15 -14.49 -13.77
N MET A 467 -0.79 -15.01 -12.97
CA MET A 467 -0.47 -16.17 -12.14
C MET A 467 -0.04 -17.34 -13.03
N LEU A 468 0.90 -18.15 -12.55
CA LEU A 468 1.45 -19.24 -13.35
C LEU A 468 0.35 -20.12 -13.95
N ASP A 469 -0.69 -20.39 -13.17
CA ASP A 469 -1.75 -21.29 -13.59
C ASP A 469 -2.92 -20.58 -14.28
N GLY A 470 -2.88 -19.25 -14.41
CA GLY A 470 -3.98 -18.55 -15.04
C GLY A 470 -5.18 -18.31 -14.15
N SER A 471 -5.00 -18.43 -12.83
CA SER A 471 -6.07 -18.28 -11.85
C SER A 471 -6.25 -16.84 -11.36
N ASP A 472 -5.73 -15.87 -12.12
CA ASP A 472 -5.78 -14.45 -11.80
C ASP A 472 -7.07 -14.00 -11.13
N ALA A 473 -8.21 -14.38 -11.72
CA ALA A 473 -9.49 -13.84 -11.32
C ALA A 473 -10.22 -14.67 -10.28
N VAL A 474 -9.61 -15.74 -9.76
CA VAL A 474 -10.28 -16.56 -8.74
C VAL A 474 -10.33 -15.78 -7.43
N SER A 475 -11.54 -15.49 -6.95
CA SER A 475 -11.67 -14.70 -5.73
C SER A 475 -12.10 -15.53 -4.52
N ASP A 476 -12.13 -16.87 -4.65
CA ASP A 476 -12.33 -17.69 -3.46
C ASP A 476 -11.34 -17.31 -2.37
N TRP A 477 -10.09 -17.01 -2.77
CA TRP A 477 -9.00 -16.90 -1.80
C TRP A 477 -9.22 -15.76 -0.79
N PRO A 478 -9.49 -14.51 -1.18
CA PRO A 478 -9.70 -13.49 -0.16
C PRO A 478 -10.91 -13.77 0.72
N LEU A 479 -11.93 -14.46 0.20
CA LEU A 479 -13.08 -14.81 1.03
C LEU A 479 -12.70 -15.84 2.09
N LEU A 480 -11.90 -16.83 1.69
CA LEU A 480 -11.38 -17.80 2.67
C LEU A 480 -10.46 -17.13 3.68
N ASN A 481 -9.68 -16.15 3.24
CA ASN A 481 -8.82 -15.40 4.16
C ASN A 481 -9.64 -14.76 5.27
N ALA A 482 -10.74 -14.10 4.90
CA ALA A 482 -11.59 -13.47 5.90
C ALA A 482 -12.26 -14.49 6.80
N LEU A 483 -12.83 -15.55 6.22
CA LEU A 483 -13.47 -16.56 7.05
C LEU A 483 -12.48 -17.17 8.02
N LEU A 484 -11.26 -17.45 7.56
CA LEU A 484 -10.28 -18.08 8.45
C LEU A 484 -9.79 -17.12 9.53
N ASN A 485 -9.60 -15.84 9.20
CA ASN A 485 -9.22 -14.91 10.25
C ASN A 485 -10.34 -14.74 11.27
N CYS A 486 -11.59 -14.79 10.82
CA CYS A 486 -12.73 -14.80 11.74
C CYS A 486 -12.67 -16.02 12.65
N ALA A 487 -12.47 -17.20 12.06
CA ALA A 487 -12.35 -18.44 12.83
C ALA A 487 -11.14 -18.42 13.76
N SER A 488 -10.11 -17.65 13.43
CA SER A 488 -8.85 -17.72 14.17
C SER A 488 -8.78 -16.78 15.36
N GLY A 489 -9.67 -15.81 15.45
CA GLY A 489 -9.71 -14.90 16.58
C GLY A 489 -9.22 -13.48 16.31
N ALA A 490 -9.24 -13.02 15.07
CA ALA A 490 -8.97 -11.62 14.79
C ALA A 490 -10.00 -10.75 15.52
N THR A 491 -9.64 -9.47 15.73
CA THR A 491 -10.55 -8.57 16.43
C THR A 491 -11.57 -7.96 15.49
N TRP A 492 -11.16 -7.59 14.27
CA TRP A 492 -12.14 -7.32 13.23
C TRP A 492 -11.61 -7.78 11.87
N VAL A 493 -12.56 -8.22 11.04
CA VAL A 493 -12.28 -8.84 9.75
C VAL A 493 -13.14 -8.11 8.72
N SER A 494 -12.61 -7.90 7.53
CA SER A 494 -13.32 -7.13 6.51
C SER A 494 -13.19 -7.79 5.15
N ILE A 495 -14.28 -7.74 4.39
CA ILE A 495 -14.29 -8.15 2.99
C ILE A 495 -14.73 -6.95 2.17
N HIS A 496 -13.86 -6.52 1.25
CA HIS A 496 -14.08 -5.32 0.45
C HIS A 496 -14.05 -5.68 -1.04
N HIS A 497 -14.68 -4.82 -1.82
CA HIS A 497 -14.69 -4.94 -3.27
C HIS A 497 -14.18 -3.65 -3.90
N GLY A 498 -13.33 -3.81 -4.92
CA GLY A 498 -12.99 -2.70 -5.82
C GLY A 498 -11.93 -1.73 -5.33
N GLY A 499 -11.22 -2.01 -4.25
CA GLY A 499 -10.18 -1.11 -3.81
C GLY A 499 -9.09 -0.96 -4.86
N GLY A 500 -8.59 0.26 -4.99
CA GLY A 500 -7.46 0.52 -5.88
C GLY A 500 -7.84 0.56 -7.34
N VAL A 501 -8.30 -0.58 -7.88
CA VAL A 501 -8.60 -0.71 -9.31
C VAL A 501 -10.05 -0.38 -9.66
N GLY A 502 -10.91 -0.20 -8.67
CA GLY A 502 -12.26 0.26 -8.92
C GLY A 502 -13.26 -0.89 -9.00
N MET A 503 -14.53 -0.48 -9.10
CA MET A 503 -15.64 -1.42 -9.15
C MET A 503 -15.45 -2.45 -10.25
N GLY A 504 -15.60 -3.71 -9.88
CA GLY A 504 -15.57 -4.83 -10.80
C GLY A 504 -14.23 -5.51 -10.92
N PHE A 505 -13.15 -4.93 -10.38
CA PHE A 505 -11.80 -5.37 -10.73
C PHE A 505 -11.01 -6.00 -9.58
N SER A 506 -11.50 -5.97 -8.34
CA SER A 506 -10.76 -6.63 -7.28
C SER A 506 -11.70 -7.04 -6.15
N GLN A 507 -11.25 -8.04 -5.39
CA GLN A 507 -11.89 -8.47 -4.15
C GLN A 507 -10.79 -8.74 -3.15
N HIS A 508 -10.95 -8.26 -1.92
CA HIS A 508 -9.83 -8.34 -1.00
C HIS A 508 -10.32 -8.31 0.44
N ALA A 509 -9.47 -8.75 1.36
CA ALA A 509 -9.87 -8.92 2.74
C ALA A 509 -8.86 -8.26 3.67
N GLY A 510 -9.36 -7.69 4.77
CA GLY A 510 -8.50 -7.10 5.78
C GLY A 510 -8.59 -7.84 7.11
N VAL A 511 -7.61 -7.63 7.99
CA VAL A 511 -7.62 -8.24 9.32
C VAL A 511 -6.94 -7.29 10.29
N VAL A 512 -7.52 -7.16 11.48
CA VAL A 512 -6.90 -6.42 12.58
C VAL A 512 -7.05 -7.24 13.85
N ILE A 513 -5.99 -7.30 14.65
CA ILE A 513 -6.07 -8.00 15.92
C ILE A 513 -5.36 -7.16 16.97
N VAL A 514 -5.93 -7.11 18.17
CA VAL A 514 -5.43 -6.27 19.26
C VAL A 514 -4.58 -7.11 20.20
N ALA A 515 -3.36 -6.65 20.43
CA ALA A 515 -2.45 -7.23 21.43
C ALA A 515 -2.62 -6.43 22.71
N ASP A 516 -3.40 -6.96 23.64
CA ASP A 516 -3.73 -6.24 24.87
C ASP A 516 -2.95 -6.76 26.08
N GLY A 517 -1.96 -7.61 25.86
CA GLY A 517 -1.15 -8.13 26.94
C GLY A 517 -1.68 -9.38 27.60
N THR A 518 -2.88 -9.84 27.23
CA THR A 518 -3.48 -10.98 27.92
C THR A 518 -3.01 -12.30 27.30
N GLU A 519 -3.03 -13.36 28.11
CA GLU A 519 -2.77 -14.68 27.58
C GLU A 519 -3.83 -15.09 26.56
N LYS A 520 -5.08 -14.64 26.74
CA LYS A 520 -6.11 -14.94 25.74
C LYS A 520 -5.76 -14.32 24.39
N ALA A 521 -5.30 -13.07 24.38
CA ALA A 521 -4.92 -12.46 23.11
C ALA A 521 -3.70 -13.14 22.52
N ALA A 522 -2.76 -13.57 23.37
CA ALA A 522 -1.59 -14.29 22.89
C ALA A 522 -1.98 -15.52 22.08
N LYS A 523 -2.99 -16.27 22.54
CA LYS A 523 -3.45 -17.43 21.79
C LYS A 523 -4.01 -17.03 20.43
N ARG A 524 -4.77 -15.93 20.39
CA ARG A 524 -5.33 -15.47 19.14
C ARG A 524 -4.25 -14.97 18.20
N LEU A 525 -3.29 -14.20 18.74
CA LEU A 525 -2.18 -13.70 17.93
C LEU A 525 -1.41 -14.84 17.29
N ALA A 526 -1.14 -15.91 18.05
CA ALA A 526 -0.36 -17.02 17.51
C ALA A 526 -1.08 -17.67 16.33
N ARG A 527 -2.42 -17.69 16.35
CA ARG A 527 -3.17 -18.24 15.23
C ARG A 527 -3.25 -17.26 14.07
N VAL A 528 -3.68 -16.03 14.34
CA VAL A 528 -3.96 -15.11 13.23
C VAL A 528 -2.68 -14.76 12.48
N LEU A 529 -1.61 -14.46 13.21
CA LEU A 529 -0.40 -14.01 12.52
C LEU A 529 0.35 -15.15 11.86
N HIS A 530 -0.03 -16.41 12.14
CA HIS A 530 0.44 -17.53 11.36
C HIS A 530 -0.52 -17.81 10.19
N ASN A 531 -1.80 -17.95 10.49
CA ASN A 531 -2.76 -18.37 9.47
C ASN A 531 -2.88 -17.35 8.36
N ASP A 532 -2.89 -16.05 8.70
CA ASP A 532 -3.10 -15.03 7.68
C ASP A 532 -2.03 -15.05 6.60
N PRO A 533 -0.72 -14.97 6.90
CA PRO A 533 0.28 -15.15 5.83
C PRO A 533 0.29 -16.56 5.26
N ALA A 534 -0.03 -17.58 6.06
CA ALA A 534 -0.02 -18.94 5.52
C ALA A 534 -1.03 -19.12 4.41
N THR A 535 -2.18 -18.42 4.46
CA THR A 535 -3.11 -18.52 3.35
C THR A 535 -2.49 -17.99 2.06
N GLY A 536 -1.58 -17.03 2.16
CA GLY A 536 -0.90 -16.54 0.97
C GLY A 536 0.12 -17.52 0.43
N VAL A 537 0.86 -18.18 1.33
CA VAL A 537 1.76 -19.24 0.89
C VAL A 537 0.97 -20.35 0.22
N MET A 538 -0.15 -20.73 0.84
CA MET A 538 -1.06 -21.71 0.27
C MET A 538 -1.53 -21.30 -1.12
N ARG A 539 -2.02 -20.06 -1.24
CA ARG A 539 -2.57 -19.59 -2.51
C ARG A 539 -1.52 -19.62 -3.61
N HIS A 540 -0.27 -19.26 -3.29
CA HIS A 540 0.76 -19.23 -4.31
C HIS A 540 1.32 -20.61 -4.57
N ALA A 541 1.38 -21.48 -3.55
CA ALA A 541 1.77 -22.86 -3.83
C ALA A 541 0.75 -23.52 -4.73
N ASP A 542 -0.53 -23.27 -4.48
CA ASP A 542 -1.58 -23.83 -5.32
C ASP A 542 -1.39 -23.42 -6.77
N ALA A 543 -1.04 -22.16 -7.00
CA ALA A 543 -0.85 -21.65 -8.36
C ALA A 543 0.37 -22.23 -9.04
N GLY A 544 1.26 -22.86 -8.29
CA GLY A 544 2.38 -23.60 -8.86
C GLY A 544 3.75 -23.06 -8.51
N TYR A 545 3.87 -22.06 -7.64
CA TYR A 545 5.15 -21.41 -7.39
C TYR A 545 5.98 -22.26 -6.44
N GLN A 546 7.17 -22.66 -6.90
CA GLN A 546 8.03 -23.49 -6.08
C GLN A 546 8.55 -22.73 -4.86
N ILE A 547 8.74 -21.41 -4.97
CA ILE A 547 9.15 -20.65 -3.80
C ILE A 547 8.11 -20.81 -2.69
N ALA A 548 6.83 -20.84 -3.06
CA ALA A 548 5.78 -20.99 -2.06
C ALA A 548 5.70 -22.43 -1.56
N LYS A 549 5.85 -23.41 -2.46
CA LYS A 549 5.84 -24.81 -2.04
C LYS A 549 6.95 -25.08 -1.03
N GLN A 550 8.15 -24.55 -1.32
CA GLN A 550 9.27 -24.71 -0.39
C GLN A 550 8.97 -24.05 0.95
N CYS A 551 8.44 -22.82 0.91
CA CYS A 551 8.10 -22.11 2.15
C CYS A 551 7.05 -22.88 2.95
N ALA A 552 6.06 -23.45 2.27
CA ALA A 552 5.06 -24.24 2.99
C ALA A 552 5.72 -25.37 3.76
N LYS A 553 6.63 -26.09 3.11
CA LYS A 553 7.30 -27.21 3.79
C LYS A 553 8.15 -26.72 4.96
N GLU A 554 8.87 -25.61 4.77
CA GLU A 554 9.70 -25.08 5.85
C GLU A 554 8.87 -24.71 7.07
N ASN A 555 7.61 -24.34 6.88
CA ASN A 555 6.73 -23.94 7.97
C ASN A 555 5.70 -25.02 8.32
N SER A 556 5.91 -26.24 7.84
CA SER A 556 5.08 -27.39 8.21
C SER A 556 3.59 -27.14 7.93
N LEU A 557 3.28 -26.43 6.85
CA LEU A 557 1.87 -26.22 6.54
C LEU A 557 1.22 -27.53 6.08
N TRP A 558 -0.05 -27.68 6.41
CA TRP A 558 -0.85 -28.82 5.95
C TRP A 558 -1.60 -28.35 4.71
N LEU A 559 -1.03 -28.64 3.54
CA LEU A 559 -1.65 -28.30 2.26
C LEU A 559 -2.02 -29.61 1.57
N PRO A 560 -3.28 -30.06 1.70
CA PRO A 560 -3.60 -31.45 1.37
C PRO A 560 -3.32 -31.85 -0.06
N MET A 561 -3.45 -30.92 -1.00
CA MET A 561 -3.24 -31.25 -2.40
C MET A 561 -1.79 -31.07 -2.85
N GLU A 562 -0.92 -30.57 -1.99
CA GLU A 562 0.47 -30.34 -2.37
C GLU A 562 1.30 -31.59 -2.09
N SER A 563 2.12 -31.97 -3.06
CA SER A 563 2.97 -33.15 -2.93
C SER A 563 4.16 -32.85 -2.04
C1 EDO B . -1.17 -21.75 14.40
O1 EDO B . -0.88 -23.03 13.83
C2 EDO B . -1.00 -21.74 15.92
O2 EDO B . -2.00 -22.56 16.53
C1 EDO C . 1.52 -11.75 27.23
O1 EDO C . 2.90 -12.13 27.31
C2 EDO C . 0.69 -12.63 28.16
O2 EDO C . 0.92 -14.01 27.83
PA NAD D . -1.52 10.81 -9.99
O1A NAD D . -2.58 11.07 -11.07
O2A NAD D . -1.66 11.43 -8.59
O5B NAD D . -0.03 11.25 -10.54
C5B NAD D . 0.41 11.05 -11.88
C4B NAD D . 1.46 12.13 -12.06
O4B NAD D . 1.98 11.98 -13.40
C3B NAD D . 0.88 13.55 -12.02
O3B NAD D . 1.60 14.31 -11.04
C2B NAD D . 1.08 14.11 -13.44
O2B NAD D . 1.33 15.52 -13.45
C1B NAD D . 2.29 13.28 -13.91
N9A NAD D . 2.37 13.16 -15.34
C8A NAD D . 1.33 12.94 -16.24
N7A NAD D . 1.76 12.86 -17.46
C5A NAD D . 3.14 13.03 -17.40
C6A NAD D . 4.14 13.05 -18.39
N6A NAD D . 3.90 12.87 -19.70
N1A NAD D . 5.41 13.24 -17.99
C2A NAD D . 5.67 13.41 -16.68
N3A NAD D . 4.79 13.41 -15.68
C4A NAD D . 3.52 13.20 -16.09
O3 NAD D . -1.32 9.21 -9.87
PN NAD D . -0.63 8.35 -8.72
O1N NAD D . -1.63 8.01 -7.61
O2N NAD D . 0.71 9.00 -8.35
O5D NAD D . -0.44 6.93 -9.56
C5D NAD D . 0.28 6.97 -10.78
C4D NAD D . 0.13 5.63 -11.49
O4D NAD D . 1.01 4.60 -10.87
C3D NAD D . -1.27 5.03 -11.32
O3D NAD D . -1.60 4.24 -12.49
C2D NAD D . -1.14 4.07 -10.11
O2D NAD D . -2.11 3.03 -10.04
C1D NAD D . 0.26 3.50 -10.42
N1N NAD D . 0.87 2.96 -9.16
C2N NAD D . 0.54 1.70 -8.79
C3N NAD D . 1.05 1.17 -7.66
C7N NAD D . 0.60 -0.24 -7.40
O7N NAD D . 0.13 -0.88 -8.32
N7N NAD D . 0.71 -0.70 -6.13
C4N NAD D . 1.91 1.94 -6.87
C5N NAD D . 2.23 3.22 -7.24
C6N NAD D . 1.67 3.73 -8.43
C1 EDO E . -1.53 -9.64 9.48
O1 EDO E . -0.88 -10.88 9.21
C2 EDO E . -0.53 -8.59 9.93
O2 EDO E . 0.43 -8.39 8.90
C1 EDO F . -9.41 -5.79 28.81
O1 EDO F . -9.70 -4.44 28.47
C2 EDO F . -8.42 -6.35 27.80
O2 EDO F . -9.05 -6.36 26.50
C1 SIN G . -3.00 3.85 -0.02
O1 SIN G . -2.71 4.90 0.61
O2 SIN G . -3.34 3.93 -1.22
C2 SIN G . -2.91 2.50 0.66
C3 SIN G . -3.84 2.46 1.87
C4 SIN G . -3.05 2.13 3.12
O3 SIN G . -1.80 2.05 3.11
O4 SIN G . -3.64 1.97 4.21
C1 EDO H . -1.71 16.52 -15.33
C1 EDO H . -1.93 16.19 -15.96
O1 EDO H . -0.56 17.05 -14.66
O1 EDO H . -3.14 15.47 -16.19
C2 EDO H . -1.38 16.28 -16.79
C2 EDO H . -1.14 16.24 -17.26
O2 EDO H . -2.59 16.11 -17.52
O2 EDO H . -1.97 16.79 -18.29
#